data_8VCM
#
_entry.id   8VCM
#
_cell.length_a   57.217
_cell.length_b   41.094
_cell.length_c   67.938
_cell.angle_alpha   90.000
_cell.angle_beta   107.700
_cell.angle_gamma   90.000
#
_symmetry.space_group_name_H-M   'P 1 21 1'
#
loop_
_entity.id
_entity.type
_entity.pdbx_description
1 polymer 'Galactose-binding lectin'
2 non-polymer alpha-D-galactopyranose
3 non-polymer 'MAGNESIUM ION'
4 water water
#
_entity_poly.entity_id   1
_entity_poly.type   'polypeptide(L)'
_entity_poly.pdbx_seq_one_letter_code
;GHMTTFLIKHKASGKFLHPKGGSSNPANDTNLVLHSDIHERMYFQFDVVDERWGYIKHAASGKIVHPLGGKADPPNETKL
VLHQDRHDRALFAMDFFNDNIIHKAGKYIHPKGGSTNPPNETLTVMHGDKHKAMEFIFVSPKDKDKRVLVYV
;
_entity_poly.pdbx_strand_id   A,B
#
loop_
_chem_comp.id
_chem_comp.type
_chem_comp.name
_chem_comp.formula
GLA D-saccharide, alpha linking alpha-D-galactopyranose 'C6 H12 O6'
MG non-polymer 'MAGNESIUM ION' 'Mg 2'
#
# COMPACT_ATOMS: atom_id res chain seq x y z
N MET A 3 0.31 8.54 13.45
CA MET A 3 -0.36 9.87 13.52
C MET A 3 0.19 10.74 12.38
N THR A 4 0.85 10.11 11.41
CA THR A 4 1.27 10.94 10.28
C THR A 4 0.09 11.71 9.72
N THR A 5 0.31 13.01 9.60
CA THR A 5 -0.57 13.92 8.92
C THR A 5 -0.18 13.99 7.46
N PHE A 6 -1.16 14.09 6.57
CA PHE A 6 -0.81 14.16 5.16
C PHE A 6 -1.84 15.01 4.43
N LEU A 7 -1.49 15.40 3.21
CA LEU A 7 -2.42 16.05 2.31
C LEU A 7 -2.89 15.02 1.29
N ILE A 8 -4.16 15.09 0.93
CA ILE A 8 -4.72 14.23 -0.10
C ILE A 8 -4.73 15.07 -1.35
N LYS A 9 -3.79 14.78 -2.27
CA LYS A 9 -3.58 15.61 -3.44
C LYS A 9 -4.23 14.95 -4.65
N HIS A 10 -5.11 15.69 -5.32
CA HIS A 10 -5.68 15.23 -6.58
C HIS A 10 -4.57 15.24 -7.62
N LYS A 11 -4.20 14.06 -8.12
CA LYS A 11 -2.97 13.93 -8.89
C LYS A 11 -2.99 14.78 -10.17
N ALA A 12 -4.10 14.78 -10.90
CA ALA A 12 -4.09 15.42 -12.22
C ALA A 12 -4.02 16.95 -12.12
N SER A 13 -4.62 17.55 -11.10
CA SER A 13 -4.70 19.01 -11.01
C SER A 13 -3.80 19.61 -9.94
N GLY A 14 -3.39 18.83 -8.95
CA GLY A 14 -2.70 19.40 -7.80
C GLY A 14 -3.59 20.09 -6.79
N LYS A 15 -4.91 20.09 -6.98
CA LYS A 15 -5.76 20.52 -5.89
C LYS A 15 -5.78 19.45 -4.80
N PHE A 16 -6.38 19.80 -3.65
CA PHE A 16 -6.37 18.95 -2.47
C PHE A 16 -7.79 18.75 -1.95
N LEU A 17 -8.02 17.64 -1.24
CA LEU A 17 -9.31 17.50 -0.59
C LEU A 17 -9.37 18.45 0.60
N HIS A 18 -10.47 19.19 0.71
CA HIS A 18 -10.78 20.11 1.80
C HIS A 18 -12.16 19.78 2.35
N PRO A 19 -12.42 20.08 3.62
CA PRO A 19 -13.82 20.23 4.03
C PRO A 19 -14.35 21.50 3.39
N LYS A 20 -15.56 21.45 2.82
CA LYS A 20 -16.14 22.65 2.21
C LYS A 20 -16.23 23.75 3.27
N GLY A 21 -15.66 24.92 2.95
CA GLY A 21 -15.65 26.03 3.90
C GLY A 21 -14.35 26.22 4.62
N GLY A 22 -13.49 25.19 4.68
CA GLY A 22 -12.17 25.31 5.26
C GLY A 22 -12.10 25.43 6.77
N SER A 23 -13.15 24.99 7.46
CA SER A 23 -13.22 25.14 8.91
C SER A 23 -12.38 24.07 9.61
N SER A 24 -11.72 24.44 10.71
CA SER A 24 -11.11 23.42 11.55
C SER A 24 -12.15 22.61 12.30
N ASN A 25 -13.42 22.98 12.19
CA ASN A 25 -14.49 22.36 12.97
C ASN A 25 -15.73 22.23 12.08
N PRO A 26 -15.61 21.52 10.97
CA PRO A 26 -16.76 21.33 10.06
C PRO A 26 -17.93 20.62 10.71
N ALA A 27 -19.13 21.08 10.38
CA ALA A 27 -20.33 20.41 10.88
C ALA A 27 -20.44 19.01 10.27
N ASN A 28 -21.15 18.12 10.97
CA ASN A 28 -21.51 16.84 10.37
C ASN A 28 -22.13 17.05 9.00
N ASP A 29 -21.74 16.20 8.05
CA ASP A 29 -22.27 16.20 6.68
C ASP A 29 -21.73 17.37 5.83
N THR A 30 -20.66 18.02 6.27
CA THR A 30 -19.94 18.97 5.42
C THR A 30 -19.35 18.24 4.22
N ASN A 31 -19.55 18.78 3.01
CA ASN A 31 -19.01 18.16 1.80
C ASN A 31 -17.49 18.21 1.77
N LEU A 32 -16.88 17.11 1.32
CA LEU A 32 -15.48 17.11 0.92
C LEU A 32 -15.38 17.64 -0.50
N VAL A 33 -14.50 18.61 -0.71
CA VAL A 33 -14.35 19.25 -2.00
C VAL A 33 -12.87 19.34 -2.34
N LEU A 34 -12.59 19.71 -3.59
CA LEU A 34 -11.24 20.01 -4.02
C LEU A 34 -11.00 21.50 -4.01
N HIS A 35 -9.80 21.89 -3.59
CA HIS A 35 -9.42 23.29 -3.51
C HIS A 35 -7.90 23.34 -3.54
N SER A 36 -7.37 24.39 -4.16
CA SER A 36 -5.93 24.58 -4.31
C SER A 36 -5.20 25.01 -3.02
N ASP A 37 -5.91 25.59 -2.05
CA ASP A 37 -5.20 26.17 -0.90
C ASP A 37 -4.58 25.08 0.00
N ILE A 38 -3.55 25.48 0.74
CA ILE A 38 -2.92 24.63 1.73
C ILE A 38 -2.95 25.35 3.07
N HIS A 39 -3.39 24.65 4.11
CA HIS A 39 -3.44 25.11 5.50
C HIS A 39 -3.82 23.91 6.34
N GLU A 40 -3.61 24.02 7.65
CA GLU A 40 -3.78 22.90 8.56
C GLU A 40 -5.21 22.39 8.59
N ARG A 41 -6.17 23.15 8.09
CA ARG A 41 -7.57 22.72 8.08
C ARG A 41 -7.89 21.79 6.93
N MET A 42 -6.90 21.47 6.11
CA MET A 42 -7.08 20.42 5.11
C MET A 42 -6.11 19.26 5.33
N TYR A 43 -5.47 19.17 6.49
CA TYR A 43 -4.64 18.01 6.79
C TYR A 43 -5.53 16.82 7.12
N PHE A 44 -5.11 15.62 6.69
CA PHE A 44 -5.82 14.38 6.98
C PHE A 44 -4.91 13.39 7.68
N GLN A 45 -5.56 12.42 8.32
CA GLN A 45 -4.90 11.27 8.94
C GLN A 45 -5.66 10.02 8.51
N PHE A 46 -5.04 8.86 8.72
CA PHE A 46 -5.71 7.58 8.39
C PHE A 46 -5.55 6.66 9.59
N ASP A 47 -6.66 6.16 10.11
CA ASP A 47 -6.66 5.31 11.30
C ASP A 47 -6.98 3.90 10.84
N VAL A 48 -5.96 3.04 10.89
CA VAL A 48 -6.11 1.70 10.36
C VAL A 48 -7.03 0.94 11.28
N VAL A 49 -7.95 0.21 10.69
CA VAL A 49 -8.92 -0.60 11.42
C VAL A 49 -8.64 -2.09 11.18
N ASP A 50 -8.46 -2.48 9.92
CA ASP A 50 -8.33 -3.90 9.59
C ASP A 50 -7.52 -4.04 8.31
N GLU A 51 -6.23 -4.35 8.44
CA GLU A 51 -5.28 -4.51 7.34
C GLU A 51 -5.32 -3.25 6.48
N ARG A 52 -5.82 -3.35 5.24
CA ARG A 52 -5.84 -2.18 4.38
C ARG A 52 -6.98 -1.19 4.73
N TRP A 53 -7.97 -1.60 5.52
CA TRP A 53 -9.17 -0.79 5.70
C TRP A 53 -9.02 0.12 6.91
N GLY A 54 -9.48 1.36 6.78
CA GLY A 54 -9.47 2.25 7.91
C GLY A 54 -10.33 3.47 7.66
N TYR A 55 -10.19 4.44 8.56
CA TYR A 55 -10.95 5.69 8.51
C TYR A 55 -10.08 6.83 8.00
N ILE A 56 -10.62 7.60 7.05
CA ILE A 56 -9.95 8.81 6.55
C ILE A 56 -10.43 9.96 7.44
N LYS A 57 -9.52 10.60 8.16
CA LYS A 57 -9.90 11.47 9.26
C LYS A 57 -9.44 12.90 9.01
N HIS A 58 -10.36 13.85 9.14
CA HIS A 58 -9.98 15.25 9.11
C HIS A 58 -9.23 15.57 10.41
N ALA A 59 -7.96 15.96 10.31
CA ALA A 59 -7.11 16.01 11.50
C ALA A 59 -7.61 17.03 12.53
N ALA A 60 -8.05 18.20 12.07
CA ALA A 60 -8.37 19.28 13.01
C ALA A 60 -9.64 18.98 13.80
N SER A 61 -10.57 18.22 13.23
CA SER A 61 -11.85 17.99 13.88
C SER A 61 -12.04 16.55 14.36
N GLY A 62 -11.26 15.61 13.85
CA GLY A 62 -11.50 14.22 14.15
C GLY A 62 -12.65 13.60 13.39
N LYS A 63 -13.37 14.37 12.56
CA LYS A 63 -14.44 13.78 11.77
C LYS A 63 -13.83 12.95 10.64
N ILE A 64 -14.53 11.91 10.22
CA ILE A 64 -14.02 11.00 9.20
C ILE A 64 -14.89 11.07 7.94
N VAL A 65 -14.35 10.54 6.84
CA VAL A 65 -15.05 10.58 5.55
C VAL A 65 -16.13 9.51 5.53
N HIS A 66 -17.34 9.91 5.12
CA HIS A 66 -18.46 9.00 4.96
C HIS A 66 -19.08 9.22 3.58
N PRO A 67 -19.65 8.16 2.97
CA PRO A 67 -20.63 8.36 1.90
C PRO A 67 -21.87 9.00 2.52
N LEU A 68 -22.39 10.04 1.88
CA LEU A 68 -23.56 10.73 2.44
C LEU A 68 -24.72 9.76 2.60
N GLY A 69 -25.21 9.60 3.83
CA GLY A 69 -26.28 8.62 4.10
C GLY A 69 -25.80 7.40 4.86
N GLY A 70 -24.50 7.14 4.88
CA GLY A 70 -23.94 6.02 5.65
C GLY A 70 -24.32 4.66 5.12
N LYS A 71 -24.68 4.54 3.85
CA LYS A 71 -25.16 3.23 3.33
C LYS A 71 -23.96 2.33 3.09
N ALA A 72 -24.16 1.01 3.21
CA ALA A 72 -23.04 0.06 3.05
C ALA A 72 -22.65 -0.03 1.58
N ASP A 73 -23.62 0.18 0.68
CA ASP A 73 -23.30 0.01 -0.73
C ASP A 73 -23.81 1.22 -1.52
N PRO A 74 -23.18 2.38 -1.33
CA PRO A 74 -23.70 3.62 -1.93
C PRO A 74 -23.58 3.59 -3.46
N PRO A 75 -24.58 4.15 -4.16
CA PRO A 75 -24.55 4.21 -5.63
C PRO A 75 -23.57 5.26 -6.15
N ASN A 76 -23.26 5.16 -7.45
CA ASN A 76 -22.46 6.17 -8.12
C ASN A 76 -23.06 7.56 -7.87
N GLU A 77 -22.22 8.58 -7.69
CA GLU A 77 -22.64 9.98 -7.44
C GLU A 77 -23.04 10.24 -5.98
N THR A 78 -22.89 9.27 -5.08
CA THR A 78 -23.12 9.55 -3.66
C THR A 78 -22.10 10.58 -3.18
N LYS A 79 -22.57 11.66 -2.57
CA LYS A 79 -21.66 12.70 -2.12
C LYS A 79 -20.83 12.17 -0.96
N LEU A 80 -19.59 12.62 -0.88
CA LEU A 80 -18.74 12.33 0.27
C LEU A 80 -18.75 13.48 1.26
N VAL A 81 -18.90 13.16 2.55
CA VAL A 81 -19.02 14.17 3.59
C VAL A 81 -18.17 13.76 4.78
N LEU A 82 -18.01 14.70 5.71
CA LEU A 82 -17.39 14.42 7.00
C LEU A 82 -18.46 14.12 8.04
N HIS A 83 -18.14 13.23 8.98
CA HIS A 83 -19.08 12.91 10.04
C HIS A 83 -18.30 12.27 11.18
N GLN A 84 -18.76 12.46 12.42
CA GLN A 84 -17.99 11.98 13.60
C GLN A 84 -18.21 10.49 13.87
N ASP A 85 -19.28 9.90 13.35
CA ASP A 85 -19.55 8.50 13.70
C ASP A 85 -18.45 7.57 13.19
N ARG A 86 -18.17 6.51 13.92
CA ARG A 86 -17.23 5.48 13.43
C ARG A 86 -17.99 4.15 13.26
N HIS A 87 -18.05 3.62 12.04
CA HIS A 87 -18.67 2.32 11.78
C HIS A 87 -18.15 1.80 10.44
N ASP A 88 -18.62 0.61 10.06
CA ASP A 88 -18.06 -0.11 8.92
C ASP A 88 -18.39 0.52 7.57
N ARG A 89 -19.41 1.36 7.47
CA ARG A 89 -19.81 1.93 6.16
C ARG A 89 -18.88 3.09 5.80
N ALA A 90 -18.00 3.48 6.71
CA ALA A 90 -17.02 4.53 6.49
C ALA A 90 -15.60 3.98 6.33
N LEU A 91 -15.46 2.71 5.94
CA LEU A 91 -14.15 2.11 5.75
C LEU A 91 -13.63 2.33 4.33
N PHE A 92 -12.39 2.79 4.25
CA PHE A 92 -11.70 3.01 3.00
C PHE A 92 -10.33 2.38 3.08
N ALA A 93 -9.73 2.15 1.90
CA ALA A 93 -8.33 1.81 1.77
C ALA A 93 -7.62 2.88 0.94
N MET A 94 -6.37 3.16 1.29
CA MET A 94 -5.57 4.21 0.65
C MET A 94 -4.59 3.53 -0.28
N ASP A 95 -4.96 3.38 -1.54
CA ASP A 95 -4.14 2.57 -2.45
C ASP A 95 -3.03 3.45 -3.00
N PHE A 96 -1.88 3.44 -2.35
CA PHE A 96 -0.77 4.28 -2.77
C PHE A 96 0.09 3.64 -3.86
N PHE A 97 -0.31 2.47 -4.36
CA PHE A 97 0.36 1.90 -5.52
C PHE A 97 -0.35 2.21 -6.84
N ASN A 98 -1.68 2.08 -6.88
CA ASN A 98 -2.45 2.50 -8.04
C ASN A 98 -2.93 3.94 -7.91
N ASP A 99 -2.70 4.57 -6.75
CA ASP A 99 -3.02 5.99 -6.51
C ASP A 99 -4.51 6.28 -6.56
N ASN A 100 -5.29 5.61 -5.71
CA ASN A 100 -6.71 5.92 -5.60
C ASN A 100 -7.16 5.61 -4.19
N ILE A 101 -8.38 6.02 -3.88
CA ILE A 101 -8.97 5.80 -2.59
C ILE A 101 -10.22 4.99 -2.81
N ILE A 102 -10.26 3.79 -2.27
CA ILE A 102 -11.34 2.85 -2.54
C ILE A 102 -12.14 2.61 -1.26
N HIS A 103 -13.45 2.62 -1.40
CA HIS A 103 -14.38 2.34 -0.32
C HIS A 103 -14.52 0.84 -0.14
N LYS A 104 -14.93 0.42 1.07
CA LYS A 104 -15.08 -1.01 1.35
C LYS A 104 -15.94 -1.74 0.32
N ALA A 105 -16.93 -1.08 -0.25
CA ALA A 105 -17.82 -1.70 -1.21
C ALA A 105 -17.32 -1.59 -2.65
N GLY A 106 -16.15 -1.01 -2.89
CA GLY A 106 -15.51 -1.16 -4.18
C GLY A 106 -15.54 0.05 -5.09
N LYS A 107 -16.28 1.10 -4.76
CA LYS A 107 -16.23 2.31 -5.56
C LYS A 107 -15.12 3.22 -5.04
N TYR A 108 -14.76 4.23 -5.85
CA TYR A 108 -13.63 5.10 -5.59
C TYR A 108 -14.11 6.53 -5.36
N ILE A 109 -13.25 7.32 -4.71
CA ILE A 109 -13.49 8.75 -4.57
C ILE A 109 -13.13 9.42 -5.90
N HIS A 110 -14.06 10.21 -6.45
CA HIS A 110 -13.89 10.97 -7.68
C HIS A 110 -14.21 12.42 -7.41
N PRO A 111 -13.64 13.35 -8.17
CA PRO A 111 -14.25 14.68 -8.31
C PRO A 111 -15.54 14.54 -9.07
N LYS A 112 -16.58 15.24 -8.62
CA LYS A 112 -17.85 15.19 -9.32
C LYS A 112 -17.65 15.68 -10.75
N GLY A 113 -17.99 14.84 -11.73
CA GLY A 113 -17.82 15.18 -13.13
C GLY A 113 -16.57 14.62 -13.78
N GLY A 114 -15.62 14.14 -13.00
CA GLY A 114 -14.51 13.40 -13.56
C GLY A 114 -13.50 14.22 -14.31
N SER A 115 -13.39 15.52 -14.02
CA SER A 115 -12.47 16.38 -14.77
C SER A 115 -11.05 16.20 -14.26
N THR A 116 -10.10 16.20 -15.19
CA THR A 116 -8.70 16.28 -14.78
C THR A 116 -8.32 17.64 -14.21
N ASN A 117 -9.13 18.69 -14.41
CA ASN A 117 -8.85 20.01 -13.86
C ASN A 117 -10.11 20.60 -13.25
N PRO A 118 -10.63 20.01 -12.17
CA PRO A 118 -11.86 20.53 -11.56
C PRO A 118 -11.59 21.88 -10.90
N PRO A 119 -12.52 22.82 -10.99
CA PRO A 119 -12.34 24.11 -10.32
C PRO A 119 -12.44 23.97 -8.81
N ASN A 120 -11.91 24.97 -8.11
CA ASN A 120 -12.06 25.04 -6.66
C ASN A 120 -13.53 24.86 -6.30
N GLU A 121 -13.78 24.14 -5.19
CA GLU A 121 -15.12 23.83 -4.63
C GLU A 121 -15.84 22.69 -5.34
N THR A 122 -15.20 22.03 -6.30
CA THR A 122 -15.80 20.85 -6.91
C THR A 122 -16.09 19.80 -5.84
N LEU A 123 -17.30 19.25 -5.83
CA LEU A 123 -17.60 18.22 -4.84
C LEU A 123 -16.86 16.94 -5.18
N THR A 124 -16.73 16.06 -4.19
CA THR A 124 -16.26 14.72 -4.48
C THR A 124 -17.40 13.75 -4.28
N VAL A 125 -17.37 12.64 -5.04
CA VAL A 125 -18.45 11.67 -5.02
C VAL A 125 -17.84 10.28 -5.14
N MET A 126 -18.65 9.26 -4.86
CA MET A 126 -18.28 7.88 -5.10
CA MET A 126 -18.27 7.89 -5.11
C MET A 126 -18.66 7.50 -6.52
N HIS A 127 -17.75 6.80 -7.21
CA HIS A 127 -18.04 6.29 -8.55
C HIS A 127 -17.17 5.06 -8.78
N GLY A 128 -17.72 4.07 -9.49
CA GLY A 128 -17.04 2.79 -9.68
C GLY A 128 -15.97 2.79 -10.76
N ASP A 129 -15.95 3.79 -11.64
CA ASP A 129 -15.03 3.82 -12.76
C ASP A 129 -13.61 4.17 -12.30
N LYS A 130 -12.62 3.73 -13.09
CA LYS A 130 -11.20 4.03 -12.88
C LYS A 130 -10.60 4.83 -14.03
N HIS A 131 -9.93 5.95 -13.74
CA HIS A 131 -9.32 6.77 -14.78
C HIS A 131 -8.41 7.82 -14.14
N LYS A 132 -7.70 8.59 -14.99
CA LYS A 132 -6.66 9.49 -14.49
C LYS A 132 -7.21 10.50 -13.48
N ALA A 133 -8.43 10.99 -13.67
CA ALA A 133 -9.00 12.07 -12.87
C ALA A 133 -9.48 11.64 -11.49
N MET A 134 -9.45 10.36 -11.15
CA MET A 134 -9.81 9.92 -9.81
C MET A 134 -8.58 9.44 -9.03
N GLU A 135 -7.39 9.75 -9.51
CA GLU A 135 -6.15 9.37 -8.85
C GLU A 135 -5.77 10.41 -7.80
N PHE A 136 -5.33 9.92 -6.64
CA PHE A 136 -4.89 10.74 -5.53
C PHE A 136 -3.57 10.19 -5.00
N ILE A 137 -2.71 11.10 -4.55
CA ILE A 137 -1.46 10.76 -3.90
C ILE A 137 -1.46 11.46 -2.53
N PHE A 138 -0.66 10.93 -1.62
CA PHE A 138 -0.71 11.34 -0.21
C PHE A 138 0.65 11.89 0.16
N VAL A 139 0.69 13.18 0.47
CA VAL A 139 1.94 13.91 0.51
C VAL A 139 2.11 14.61 1.86
N SER A 140 3.35 14.97 2.11
CA SER A 140 3.76 15.60 3.36
C SER A 140 3.26 17.04 3.43
N PRO A 141 2.75 17.48 4.59
CA PRO A 141 2.38 18.90 4.72
C PRO A 141 3.57 19.84 4.49
N LYS A 142 4.80 19.42 4.77
CA LYS A 142 5.94 20.30 4.57
C LYS A 142 6.59 20.10 3.22
N ASP A 143 5.95 19.35 2.33
CA ASP A 143 6.56 19.07 1.03
C ASP A 143 5.50 18.42 0.15
N LYS A 144 4.71 19.24 -0.53
CA LYS A 144 3.55 18.77 -1.28
C LYS A 144 3.91 17.86 -2.42
N ASP A 145 5.19 17.63 -2.69
CA ASP A 145 5.63 16.66 -3.68
C ASP A 145 6.26 15.39 -3.11
N LYS A 146 6.38 15.27 -1.79
CA LYS A 146 6.97 14.10 -1.17
C LYS A 146 5.86 13.20 -0.67
N ARG A 147 5.75 12.01 -1.24
CA ARG A 147 4.72 11.07 -0.79
C ARG A 147 5.07 10.59 0.61
N VAL A 148 4.05 10.36 1.43
CA VAL A 148 4.25 9.81 2.77
C VAL A 148 3.37 8.59 2.95
N LEU A 149 3.82 7.71 3.84
CA LEU A 149 3.09 6.49 4.16
C LEU A 149 1.92 6.81 5.07
N VAL A 150 0.69 6.54 4.62
CA VAL A 150 -0.44 6.89 5.47
C VAL A 150 -0.79 5.77 6.43
N TYR A 151 -0.27 4.56 6.21
CA TYR A 151 -0.52 3.40 7.08
C TYR A 151 0.43 3.31 8.26
N VAL A 152 0.01 3.87 9.38
CA VAL A 152 0.83 4.17 10.55
C VAL A 152 -0.23 4.62 11.54
N HIS B 2 7.87 -0.96 15.82
CA HIS B 2 7.09 -2.20 15.66
C HIS B 2 6.98 -2.63 14.21
N MET B 3 7.04 -3.95 13.98
CA MET B 3 6.98 -4.52 12.65
C MET B 3 6.20 -5.83 12.68
N THR B 4 5.10 -5.86 11.94
CA THR B 4 4.31 -7.06 11.76
C THR B 4 5.21 -8.17 11.21
N THR B 5 5.14 -9.34 11.82
CA THR B 5 5.76 -10.55 11.29
C THR B 5 4.78 -11.25 10.35
N PHE B 6 5.27 -11.69 9.19
CA PHE B 6 4.39 -12.27 8.20
C PHE B 6 5.12 -13.31 7.38
N LEU B 7 4.35 -14.09 6.64
CA LEU B 7 4.86 -15.00 5.63
C LEU B 7 4.64 -14.37 4.27
N ILE B 8 5.57 -14.57 3.37
CA ILE B 8 5.41 -14.11 2.00
C ILE B 8 4.92 -15.30 1.20
N LYS B 9 3.65 -15.29 0.82
CA LYS B 9 3.01 -16.44 0.19
C LYS B 9 2.86 -16.20 -1.31
N HIS B 10 3.42 -17.12 -2.09
CA HIS B 10 3.21 -17.16 -3.53
C HIS B 10 1.77 -17.51 -3.86
N LYS B 11 1.04 -16.59 -4.49
CA LYS B 11 -0.40 -16.74 -4.60
C LYS B 11 -0.79 -17.96 -5.44
N ALA B 12 -0.08 -18.19 -6.55
CA ALA B 12 -0.51 -19.25 -7.46
C ALA B 12 -0.26 -20.65 -6.90
N SER B 13 0.79 -20.84 -6.11
CA SER B 13 1.16 -22.18 -5.66
C SER B 13 0.84 -22.45 -4.20
N GLY B 14 0.69 -21.42 -3.38
CA GLY B 14 0.55 -21.60 -1.96
C GLY B 14 1.86 -21.84 -1.25
N LYS B 15 2.98 -21.81 -1.96
CA LYS B 15 4.28 -21.95 -1.31
C LYS B 15 4.74 -20.60 -0.75
N PHE B 16 5.83 -20.64 0.01
CA PHE B 16 6.34 -19.48 0.74
C PHE B 16 7.80 -19.20 0.40
N LEU B 17 8.17 -17.95 0.63
CA LEU B 17 9.58 -17.53 0.47
C LEU B 17 10.38 -18.03 1.67
N HIS B 18 11.47 -18.71 1.40
CA HIS B 18 12.37 -19.27 2.40
C HIS B 18 13.79 -18.87 2.02
N PRO B 19 14.69 -18.77 2.98
CA PRO B 19 16.10 -18.90 2.65
C PRO B 19 16.39 -20.35 2.33
N LYS B 20 17.18 -20.58 1.29
CA LYS B 20 17.53 -21.95 0.94
C LYS B 20 18.24 -22.63 2.11
N GLY B 21 17.66 -23.72 2.57
CA GLY B 21 18.15 -24.49 3.71
C GLY B 21 17.51 -24.17 5.05
N GLY B 22 16.76 -23.09 5.16
CA GLY B 22 15.93 -22.88 6.33
C GLY B 22 16.69 -22.53 7.59
N SER B 23 17.89 -21.96 7.47
CA SER B 23 18.71 -21.69 8.63
C SER B 23 18.21 -20.48 9.41
N SER B 24 18.45 -20.50 10.73
CA SER B 24 18.18 -19.33 11.57
C SER B 24 19.08 -18.18 11.19
N ASN B 25 20.32 -18.49 10.81
CA ASN B 25 21.28 -17.46 10.39
C ASN B 25 21.89 -17.87 9.04
N PRO B 26 21.18 -17.65 7.91
CA PRO B 26 21.71 -18.03 6.60
C PRO B 26 22.97 -17.23 6.32
N ALA B 27 23.93 -17.85 5.65
CA ALA B 27 25.12 -17.13 5.23
C ALA B 27 24.76 -16.03 4.24
N ASN B 28 25.60 -14.99 4.17
CA ASN B 28 25.42 -13.96 3.16
C ASN B 28 25.38 -14.61 1.78
N ASP B 29 24.48 -14.11 0.94
CA ASP B 29 24.27 -14.56 -0.43
C ASP B 29 23.55 -15.89 -0.52
N THR B 30 22.95 -16.36 0.57
CA THR B 30 22.05 -17.51 0.50
C THR B 30 20.84 -17.17 -0.36
N ASN B 31 20.48 -18.07 -1.27
CA ASN B 31 19.38 -17.80 -2.18
C ASN B 31 18.04 -17.79 -1.45
N LEU B 32 17.12 -17.01 -2.02
CA LEU B 32 15.71 -16.99 -1.55
C LEU B 32 14.96 -17.91 -2.49
N VAL B 33 14.31 -18.93 -1.96
CA VAL B 33 13.63 -19.96 -2.73
C VAL B 33 12.17 -20.01 -2.29
N LEU B 34 11.35 -20.74 -3.06
CA LEU B 34 10.01 -21.10 -2.65
C LEU B 34 10.02 -22.47 -1.98
N HIS B 35 9.29 -22.57 -0.86
CA HIS B 35 9.14 -23.86 -0.20
C HIS B 35 7.79 -23.88 0.51
N SER B 36 7.20 -25.07 0.59
CA SER B 36 5.86 -25.20 1.17
C SER B 36 5.85 -25.19 2.69
N ASP B 37 6.99 -25.48 3.34
CA ASP B 37 7.03 -25.56 4.79
C ASP B 37 6.72 -24.21 5.43
N ILE B 38 6.18 -24.26 6.65
CA ILE B 38 5.97 -23.08 7.49
C ILE B 38 6.74 -23.30 8.78
N HIS B 39 7.58 -22.33 9.15
CA HIS B 39 8.30 -22.36 10.41
C HIS B 39 8.90 -20.99 10.64
N GLU B 40 9.50 -20.85 11.84
CA GLU B 40 10.02 -19.59 12.34
C GLU B 40 11.06 -18.98 11.43
N ARG B 41 11.80 -19.82 10.72
CA ARG B 41 12.96 -19.37 9.97
C ARG B 41 12.60 -18.96 8.55
N MET B 42 11.31 -18.97 8.23
CA MET B 42 10.82 -18.33 7.03
C MET B 42 9.89 -17.15 7.36
N TYR B 43 9.90 -16.68 8.61
CA TYR B 43 9.17 -15.45 8.90
C TYR B 43 9.94 -14.24 8.38
N PHE B 44 9.20 -13.25 7.90
CA PHE B 44 9.81 -12.02 7.42
C PHE B 44 9.19 -10.81 8.09
N GLN B 45 9.90 -9.70 7.94
CA GLN B 45 9.42 -8.41 8.47
C GLN B 45 9.77 -7.37 7.42
N PHE B 46 9.04 -6.27 7.40
CA PHE B 46 9.27 -5.20 6.45
C PHE B 46 9.67 -3.92 7.17
N ASP B 47 10.93 -3.51 6.97
CA ASP B 47 11.49 -2.30 7.63
C ASP B 47 11.30 -1.10 6.71
N VAL B 48 10.29 -0.31 7.00
CA VAL B 48 9.95 0.81 6.14
C VAL B 48 11.11 1.81 6.21
N VAL B 49 11.61 2.22 5.04
CA VAL B 49 12.70 3.18 4.94
C VAL B 49 12.21 4.54 4.46
N ASP B 50 11.45 4.57 3.37
CA ASP B 50 11.01 5.82 2.77
C ASP B 50 9.70 5.57 2.04
N GLU B 51 8.59 5.95 2.67
CA GLU B 51 7.24 5.83 2.12
C GLU B 51 7.00 4.37 1.77
N ARG B 52 6.87 4.03 0.50
CA ARG B 52 6.62 2.63 0.18
C ARG B 52 7.89 1.78 0.22
N TRP B 53 9.07 2.38 0.18
CA TRP B 53 10.31 1.61 0.02
C TRP B 53 10.86 1.20 1.38
N GLY B 54 11.34 -0.04 1.46
CA GLY B 54 11.85 -0.57 2.71
C GLY B 54 12.63 -1.84 2.46
N TYR B 55 13.09 -2.47 3.54
CA TYR B 55 13.86 -3.70 3.48
C TYR B 55 13.01 -4.88 3.86
N ILE B 56 13.10 -5.94 3.06
CA ILE B 56 12.43 -7.19 3.36
C ILE B 56 13.39 -7.98 4.24
N LYS B 57 13.05 -8.10 5.51
CA LYS B 57 14.03 -8.59 6.46
C LYS B 57 13.64 -10.00 6.92
N HIS B 58 14.58 -10.91 6.82
CA HIS B 58 14.41 -12.24 7.38
C HIS B 58 14.38 -12.12 8.92
N ALA B 59 13.28 -12.56 9.56
CA ALA B 59 13.08 -12.26 10.98
C ALA B 59 14.15 -12.89 11.88
N ALA B 60 14.55 -14.13 11.59
CA ALA B 60 15.45 -14.87 12.48
C ALA B 60 16.87 -14.31 12.47
N SER B 61 17.35 -13.81 11.32
CA SER B 61 18.75 -13.45 11.18
C SER B 61 18.98 -11.96 11.08
N GLY B 62 17.97 -11.17 10.70
CA GLY B 62 18.17 -9.76 10.41
C GLY B 62 18.77 -9.46 9.06
N LYS B 63 19.21 -10.47 8.31
CA LYS B 63 19.62 -10.25 6.93
C LYS B 63 18.41 -9.85 6.06
N ILE B 64 18.68 -9.15 4.94
CA ILE B 64 17.61 -8.60 4.13
C ILE B 64 17.77 -9.08 2.69
N VAL B 65 16.70 -8.93 1.90
CA VAL B 65 16.71 -9.43 0.52
C VAL B 65 17.47 -8.48 -0.37
N HIS B 66 18.38 -9.03 -1.17
CA HIS B 66 19.19 -8.32 -2.14
C HIS B 66 19.09 -9.01 -3.50
N PRO B 67 19.11 -8.24 -4.58
CA PRO B 67 19.48 -8.78 -5.88
C PRO B 67 20.94 -9.15 -5.80
N LEU B 68 21.30 -10.35 -6.26
CA LEU B 68 22.68 -10.76 -6.09
C LEU B 68 23.57 -9.77 -6.80
N GLY B 69 24.58 -9.27 -6.07
CA GLY B 69 25.56 -8.38 -6.64
C GLY B 69 25.36 -6.95 -6.18
N GLY B 70 24.16 -6.62 -5.69
CA GLY B 70 23.82 -5.29 -5.22
C GLY B 70 23.87 -4.21 -6.29
N LYS B 71 23.54 -4.55 -7.53
CA LYS B 71 23.46 -3.55 -8.60
C LYS B 71 22.20 -2.69 -8.48
N ALA B 72 22.30 -1.44 -8.98
CA ALA B 72 21.17 -0.52 -8.92
C ALA B 72 20.05 -0.94 -9.88
N ASP B 73 20.39 -1.45 -11.07
CA ASP B 73 19.37 -1.79 -12.05
C ASP B 73 19.64 -3.23 -12.49
N PRO B 74 19.27 -4.20 -11.65
CA PRO B 74 19.53 -5.60 -11.97
C PRO B 74 18.76 -6.03 -13.20
N PRO B 75 19.36 -6.80 -14.08
CA PRO B 75 18.64 -7.27 -15.28
C PRO B 75 17.68 -8.40 -14.91
N ASN B 76 16.77 -8.69 -15.83
CA ASN B 76 15.93 -9.88 -15.70
C ASN B 76 16.80 -11.10 -15.36
N GLU B 77 16.29 -11.96 -14.49
CA GLU B 77 16.94 -13.20 -14.03
C GLU B 77 18.00 -12.99 -12.95
N THR B 78 18.19 -11.76 -12.45
CA THR B 78 19.07 -11.58 -11.32
C THR B 78 18.50 -12.33 -10.13
N LYS B 79 19.32 -13.19 -9.53
CA LYS B 79 18.86 -14.02 -8.43
C LYS B 79 18.65 -13.15 -7.19
N LEU B 80 17.69 -13.55 -6.35
CA LEU B 80 17.51 -12.89 -5.06
C LEU B 80 18.15 -13.69 -3.94
N VAL B 81 18.85 -12.98 -3.04
CA VAL B 81 19.59 -13.59 -1.94
C VAL B 81 19.36 -12.75 -0.69
N LEU B 82 19.76 -13.31 0.45
CA LEU B 82 19.82 -12.57 1.71
C LEU B 82 21.25 -12.08 1.95
N HIS B 83 21.37 -10.84 2.41
CA HIS B 83 22.65 -10.27 2.79
C HIS B 83 22.44 -9.31 3.97
N GLN B 84 23.47 -9.18 4.82
CA GLN B 84 23.34 -8.31 6.00
C GLN B 84 23.39 -6.82 5.67
N ASP B 85 24.06 -6.47 4.58
CA ASP B 85 24.24 -5.03 4.24
C ASP B 85 22.90 -4.32 4.03
N ARG B 86 22.82 -3.07 4.47
CA ARG B 86 21.61 -2.26 4.28
C ARG B 86 21.95 -1.03 3.42
N HIS B 87 21.43 -0.97 2.21
CA HIS B 87 21.62 0.17 1.31
C HIS B 87 20.52 0.17 0.25
N ASP B 88 20.55 1.20 -0.61
CA ASP B 88 19.42 1.52 -1.46
C ASP B 88 19.11 0.45 -2.50
N ARG B 89 20.04 -0.46 -2.80
CA ARG B 89 19.80 -1.45 -3.88
C ARG B 89 19.03 -2.64 -3.32
N ALA B 90 18.79 -2.66 -2.02
CA ALA B 90 17.96 -3.67 -1.40
C ALA B 90 16.59 -3.12 -1.02
N LEU B 91 16.19 -1.99 -1.62
CA LEU B 91 14.89 -1.41 -1.34
C LEU B 91 13.82 -2.06 -2.20
N PHE B 92 12.74 -2.51 -1.56
CA PHE B 92 11.59 -3.06 -2.24
C PHE B 92 10.36 -2.33 -1.71
N ALA B 93 9.24 -2.52 -2.39
CA ALA B 93 7.94 -2.10 -1.89
C ALA B 93 7.01 -3.30 -1.94
N MET B 94 6.15 -3.44 -0.93
CA MET B 94 5.26 -4.59 -0.76
C MET B 94 3.87 -4.19 -1.26
N ASP B 95 3.63 -4.37 -2.55
CA ASP B 95 2.36 -3.91 -3.15
C ASP B 95 1.26 -4.90 -2.80
N PHE B 96 0.54 -4.61 -1.74
CA PHE B 96 -0.55 -5.45 -1.24
C PHE B 96 -1.90 -5.13 -1.88
N PHE B 97 -1.92 -4.22 -2.84
CA PHE B 97 -3.11 -3.96 -3.64
C PHE B 97 -3.08 -4.71 -4.96
N ASN B 98 -1.93 -4.74 -5.64
CA ASN B 98 -1.77 -5.51 -6.85
C ASN B 98 -1.14 -6.88 -6.55
N ASP B 99 -0.73 -7.10 -5.30
CA ASP B 99 -0.19 -8.36 -4.81
C ASP B 99 1.12 -8.75 -5.49
N ASN B 100 2.13 -7.90 -5.33
CA ASN B 100 3.44 -8.24 -5.85
C ASN B 100 4.48 -7.53 -4.99
N ILE B 101 5.75 -7.87 -5.24
CA ILE B 101 6.89 -7.26 -4.55
C ILE B 101 7.74 -6.63 -5.62
N ILE B 102 7.87 -5.32 -5.58
CA ILE B 102 8.55 -4.58 -6.62
C ILE B 102 9.84 -4.00 -6.06
N HIS B 103 10.90 -4.08 -6.86
CA HIS B 103 12.19 -3.51 -6.52
C HIS B 103 12.21 -2.05 -6.94
N LYS B 104 13.09 -1.27 -6.30
CA LYS B 104 13.10 0.17 -6.55
C LYS B 104 13.38 0.50 -8.00
N ALA B 105 14.11 -0.36 -8.71
CA ALA B 105 14.38 -0.14 -10.13
C ALA B 105 13.28 -0.66 -11.04
N GLY B 106 12.21 -1.25 -10.50
CA GLY B 106 11.00 -1.48 -11.26
C GLY B 106 10.70 -2.92 -11.63
N LYS B 107 11.63 -3.86 -11.40
CA LYS B 107 11.34 -5.25 -11.65
C LYS B 107 10.70 -5.91 -10.43
N TYR B 108 10.13 -7.11 -10.65
CA TYR B 108 9.40 -7.84 -9.64
C TYR B 108 10.12 -9.12 -9.25
N ILE B 109 9.78 -9.62 -8.06
CA ILE B 109 10.24 -10.94 -7.64
C ILE B 109 9.37 -11.99 -8.34
N HIS B 110 10.02 -12.96 -8.99
CA HIS B 110 9.40 -14.07 -9.73
C HIS B 110 10.01 -15.37 -9.24
N PRO B 111 9.28 -16.47 -9.34
CA PRO B 111 9.95 -17.76 -9.35
C PRO B 111 10.79 -17.84 -10.61
N LYS B 112 12.01 -18.32 -10.46
CA LYS B 112 12.82 -18.55 -11.65
C LYS B 112 12.10 -19.51 -12.57
N GLY B 113 11.87 -19.10 -13.81
CA GLY B 113 11.10 -19.87 -14.77
C GLY B 113 9.63 -19.51 -14.87
N GLY B 114 9.10 -18.76 -13.91
CA GLY B 114 7.75 -18.24 -14.02
C GLY B 114 6.59 -19.21 -13.86
N SER B 115 6.80 -20.37 -13.23
CA SER B 115 5.70 -21.32 -13.09
C SER B 115 4.69 -20.85 -12.06
N THR B 116 3.41 -21.12 -12.33
CA THR B 116 2.40 -20.92 -11.30
C THR B 116 2.56 -21.92 -10.17
N ASN B 117 3.22 -23.04 -10.41
CA ASN B 117 3.33 -24.12 -9.42
C ASN B 117 4.75 -24.70 -9.45
N PRO B 118 5.72 -24.00 -8.89
CA PRO B 118 7.13 -24.44 -8.95
C PRO B 118 7.43 -25.51 -7.90
N PRO B 119 8.45 -26.34 -8.13
CA PRO B 119 8.87 -27.29 -7.09
C PRO B 119 9.49 -26.57 -5.92
N ASN B 120 9.52 -27.28 -4.77
CA ASN B 120 10.22 -26.78 -3.60
C ASN B 120 11.67 -26.52 -3.97
N GLU B 121 12.23 -25.45 -3.39
CA GLU B 121 13.62 -24.98 -3.58
C GLU B 121 13.78 -24.24 -4.89
N THR B 122 12.69 -23.95 -5.59
CA THR B 122 12.83 -23.14 -6.80
C THR B 122 13.37 -21.75 -6.43
N LEU B 123 14.37 -21.30 -7.17
CA LEU B 123 14.96 -20.01 -6.90
C LEU B 123 13.97 -18.89 -7.22
N THR B 124 14.20 -17.72 -6.63
CA THR B 124 13.44 -16.54 -7.03
C THR B 124 14.42 -15.57 -7.68
N VAL B 125 13.91 -14.81 -8.66
CA VAL B 125 14.72 -13.87 -9.45
C VAL B 125 13.92 -12.60 -9.67
N MET B 126 14.63 -11.57 -10.15
CA MET B 126 14.01 -10.36 -10.64
C MET B 126 13.60 -10.51 -12.11
N HIS B 127 12.44 -9.98 -12.45
CA HIS B 127 12.00 -9.97 -13.84
C HIS B 127 10.98 -8.85 -14.01
N GLY B 128 11.04 -8.17 -15.18
CA GLY B 128 10.16 -7.04 -15.45
C GLY B 128 8.72 -7.40 -15.78
N ASP B 129 8.47 -8.67 -16.12
CA ASP B 129 7.16 -9.11 -16.58
C ASP B 129 6.14 -9.16 -15.45
N LYS B 130 4.88 -8.97 -15.82
CA LYS B 130 3.76 -9.08 -14.89
C LYS B 130 2.80 -10.17 -15.37
N HIS B 131 2.48 -11.12 -14.48
CA HIS B 131 1.55 -12.21 -14.76
C HIS B 131 1.23 -12.84 -13.41
N LYS B 132 0.36 -13.84 -13.40
CA LYS B 132 -0.13 -14.31 -12.10
C LYS B 132 0.89 -15.14 -11.31
N ALA B 133 1.99 -15.61 -11.92
CA ALA B 133 3.02 -16.35 -11.20
C ALA B 133 4.00 -15.47 -10.44
N MET B 134 3.88 -14.16 -10.52
CA MET B 134 4.70 -13.29 -9.71
C MET B 134 3.89 -12.62 -8.61
N GLU B 135 2.68 -13.12 -8.34
CA GLU B 135 1.85 -12.54 -7.29
C GLU B 135 2.17 -13.15 -5.93
N PHE B 136 2.19 -12.27 -4.92
CA PHE B 136 2.42 -12.66 -3.55
C PHE B 136 1.43 -11.92 -2.65
N ILE B 137 1.01 -12.58 -1.60
CA ILE B 137 0.26 -11.98 -0.53
C ILE B 137 1.04 -12.21 0.76
N PHE B 138 0.69 -11.44 1.79
CA PHE B 138 1.50 -11.35 2.99
C PHE B 138 0.57 -11.68 4.14
N VAL B 139 0.79 -12.81 4.81
CA VAL B 139 -0.23 -13.41 5.65
C VAL B 139 0.33 -13.66 7.04
N SER B 140 -0.59 -13.86 7.98
CA SER B 140 -0.23 -14.06 9.38
C SER B 140 0.47 -15.41 9.56
N PRO B 141 1.54 -15.45 10.34
CA PRO B 141 2.16 -16.75 10.64
C PRO B 141 1.21 -17.70 11.33
N LYS B 142 0.20 -17.17 12.01
CA LYS B 142 -0.79 -17.98 12.71
C LYS B 142 -2.02 -18.32 11.86
N ASP B 143 -2.10 -17.82 10.63
CA ASP B 143 -3.25 -18.10 9.77
C ASP B 143 -2.86 -17.71 8.34
N LYS B 144 -2.37 -18.70 7.58
CA LYS B 144 -1.76 -18.45 6.28
C LYS B 144 -2.75 -17.89 5.26
N ASP B 145 -4.02 -17.79 5.62
CA ASP B 145 -5.01 -17.18 4.75
C ASP B 145 -5.43 -15.79 5.15
N LYS B 146 -4.92 -15.26 6.26
CA LYS B 146 -5.33 -13.94 6.75
C LYS B 146 -4.22 -12.95 6.36
N ARG B 147 -4.55 -12.01 5.49
CA ARG B 147 -3.62 -10.95 5.12
C ARG B 147 -3.34 -10.03 6.30
N VAL B 148 -2.08 -9.63 6.43
CA VAL B 148 -1.66 -8.71 7.48
C VAL B 148 -1.00 -7.51 6.83
N LEU B 149 -1.06 -6.37 7.52
CA LEU B 149 -0.49 -5.13 7.00
C LEU B 149 0.99 -5.11 7.29
N VAL B 150 1.82 -5.15 6.26
CA VAL B 150 3.25 -5.27 6.50
C VAL B 150 3.90 -3.93 6.80
N TYR B 151 3.21 -2.83 6.53
CA TYR B 151 3.80 -1.50 6.66
C TYR B 151 3.70 -0.94 8.08
N VAL B 152 3.13 -1.68 9.01
CA VAL B 152 3.10 -1.25 10.42
C VAL B 152 3.70 -2.34 11.28
C1 GLA C . -12.42 28.26 2.44
C2 GLA C . -10.91 28.36 2.70
C3 GLA C . -10.15 27.75 1.53
C4 GLA C . -10.63 26.32 1.31
C5 GLA C . -12.09 26.41 0.92
C6 GLA C . -12.65 25.04 0.58
O1 GLA C . -12.75 29.26 1.51
O2 GLA C . -10.57 29.71 2.84
O3 GLA C . -8.78 27.89 1.82
O4 GLA C . -10.45 25.59 2.51
O5 GLA C . -12.79 26.97 2.02
O6 GLA C . -14.05 25.08 0.44
C1 GLA D . -18.20 11.25 -15.04
C2 GLA D . -17.05 10.32 -15.41
C3 GLA D . -16.96 9.18 -14.42
C4 GLA D . -16.90 9.72 -12.98
C5 GLA D . -18.07 10.66 -12.72
C6 GLA D . -18.02 11.27 -11.31
O1 GLA D . -19.41 10.60 -15.35
O2 GLA D . -17.23 9.84 -16.74
O3 GLA D . -15.84 8.41 -14.80
O4 GLA D . -15.64 10.34 -12.78
O5 GLA D . -18.10 11.69 -13.70
O6 GLA D . -18.76 12.47 -11.23
C1 GLA E . -26.24 8.52 8.40
C2 GLA E . -25.59 7.77 9.58
C3 GLA E . -24.34 8.47 10.13
C4 GLA E . -23.40 8.90 9.00
C5 GLA E . -24.18 9.75 8.00
C6 GLA E . -23.29 10.11 6.82
O1 GLA E . -27.17 9.45 8.85
O2 GLA E . -26.57 7.55 10.57
O3 GLA E . -23.71 7.55 11.01
O4 GLA E . -22.87 7.76 8.35
O5 GLA E . -25.30 9.04 7.49
O6 GLA E . -23.74 11.32 6.26
MG MG F . -11.50 5.96 16.66
C1 GLA G . 15.32 -26.85 4.71
C2 GLA G . 14.14 -26.76 5.69
C3 GLA G . 12.82 -26.48 4.96
C4 GLA G . 12.94 -25.23 4.07
C5 GLA G . 14.12 -25.43 3.11
C6 GLA G . 14.38 -24.21 2.25
O1 GLA G . 15.27 -28.07 4.05
O2 GLA G . 14.09 -27.97 6.40
O3 GLA G . 11.77 -26.42 5.90
O4 GLA G . 13.04 -24.06 4.87
O5 GLA G . 15.34 -25.78 3.79
O6 GLA G . 15.44 -24.49 1.36
C1 GLA H . 26.86 -7.05 -3.11
C2 GLA H . 26.97 -5.86 -2.13
C3 GLA H . 26.13 -6.09 -0.86
C4 GLA H . 24.85 -6.89 -1.17
C5 GLA H . 25.26 -8.27 -1.72
C6 GLA H . 24.19 -8.94 -2.58
O1 GLA H . 28.01 -7.23 -3.89
O2 GLA H . 28.29 -5.55 -1.76
O3 GLA H . 25.94 -4.82 -0.29
O4 GLA H . 23.97 -6.20 -2.03
O5 GLA H . 26.48 -8.24 -2.46
O6 GLA H . 24.76 -10.05 -3.25
C1 GLA I . 9.77 -17.04 -17.52
C2 GLA I . 8.55 -16.11 -17.61
C3 GLA I . 8.89 -14.68 -17.18
C4 GLA I . 9.48 -14.73 -15.76
C5 GLA I . 10.74 -15.64 -15.77
C6 GLA I . 11.43 -15.80 -14.41
O1 GLA I . 10.65 -16.79 -18.58
O2 GLA I . 8.00 -16.15 -18.90
O3 GLA I . 7.71 -13.93 -17.31
O4 GLA I . 8.46 -15.17 -14.88
O5 GLA I . 10.41 -16.94 -16.25
O6 GLA I . 12.61 -16.57 -14.51
#